data_8PPF
#
_entry.id   8PPF
#
_cell.length_a   72.815
_cell.length_b   97.587
_cell.length_c   191.929
_cell.angle_alpha   90.00
_cell.angle_beta   90.00
_cell.angle_gamma   90.00
#
_symmetry.space_group_name_H-M   'C 2 2 21'
#
loop_
_entity.id
_entity.type
_entity.pdbx_description
1 polymer 'Inositol-trisphosphate 3-kinase A'
2 non-polymer 'PHOSPHOAMINOPHOSPHONIC ACID-ADENYLATE ESTER'
3 non-polymer 'beta-D-glucopyranosyl 1,3,4-trisphosphate'
4 non-polymer 'SULFATE ION'
5 water water
#
_entity_poly.entity_id   1
_entity_poly.type   'polypeptide(L)'
_entity_poly.pdbx_seq_one_letter_code
;GSHMSWVQLAGHTGSFKAAGTSGLILKRCSEPERYCLARLMADALRGCVPAFHGVVERDGESYLQLQDLLDGFDGPCVLD
CKMGVRTYLEEELTKARERPKLRKDMYKKMLAVDPEAPTEEEHAQRAVTKPRYMQWREGISSSTTLGFRIEGIKKADGSC
STDFKTTRSREQVLRVFEEFVQGDEEVLRRYLNRLQQIRDTLEVSEFFRRHEVIGSSLLFVHDHCHRAGVWLIDFGKTTP
LPDGQILDHRRPWEEGNREDGYLLGLDNLIGILASLAER
;
_entity_poly.pdbx_strand_id   A,B
#
loop_
_chem_comp.id
_chem_comp.type
_chem_comp.name
_chem_comp.formula
6II non-polymer 'beta-D-glucopyranosyl 1,3,4-trisphosphate' 'C6 H15 O15 P3'
ANP non-polymer 'PHOSPHOAMINOPHOSPHONIC ACID-ADENYLATE ESTER' 'C10 H17 N6 O12 P3'
SO4 non-polymer 'SULFATE ION' 'O4 S -2'
#
# COMPACT_ATOMS: atom_id res chain seq x y z
N GLY A 1 -9.49 -15.26 -0.40
CA GLY A 1 -10.93 -15.50 -0.68
C GLY A 1 -11.40 -14.78 -1.93
N SER A 2 -11.17 -13.46 -2.02
CA SER A 2 -11.65 -12.58 -3.12
C SER A 2 -10.78 -11.32 -3.21
N HIS A 3 -10.30 -10.97 -4.41
CA HIS A 3 -9.47 -9.76 -4.68
C HIS A 3 -10.27 -8.50 -4.30
N MET A 4 -11.56 -8.48 -4.67
CA MET A 4 -12.54 -7.44 -4.25
C MET A 4 -12.86 -7.62 -2.76
N GLY A 14 -8.50 -0.13 -9.70
CA GLY A 14 -8.26 0.41 -11.05
C GLY A 14 -9.26 -0.14 -12.07
N SER A 15 -9.06 -1.38 -12.52
CA SER A 15 -9.76 -1.99 -13.68
C SER A 15 -10.75 -3.07 -13.26
N PHE A 16 -10.95 -3.32 -11.95
CA PHE A 16 -11.63 -4.52 -11.42
C PHE A 16 -12.99 -4.17 -10.80
N LYS A 17 -13.93 -5.11 -10.92
CA LYS A 17 -15.34 -4.99 -10.44
C LYS A 17 -15.81 -6.38 -9.97
N ALA A 18 -16.68 -6.42 -8.96
CA ALA A 18 -17.30 -7.66 -8.43
C ALA A 18 -18.18 -8.28 -9.51
N ALA A 19 -18.11 -9.61 -9.66
CA ALA A 19 -18.88 -10.41 -10.63
C ALA A 19 -20.11 -11.01 -9.94
N GLY A 20 -21.17 -11.30 -10.71
CA GLY A 20 -22.39 -11.97 -10.22
C GLY A 20 -22.07 -13.36 -9.66
N THR A 21 -21.53 -14.23 -10.51
CA THR A 21 -21.22 -15.67 -10.20
C THR A 21 -20.11 -15.74 -9.16
N SER A 22 -20.15 -16.75 -8.29
CA SER A 22 -19.14 -17.03 -7.25
C SER A 22 -17.82 -17.46 -7.92
N GLY A 23 -16.68 -17.02 -7.36
CA GLY A 23 -15.33 -17.42 -7.81
C GLY A 23 -14.85 -16.67 -9.03
N LEU A 24 -15.59 -15.66 -9.49
CA LEU A 24 -15.26 -14.86 -10.70
C LEU A 24 -14.95 -13.42 -10.29
N ILE A 25 -14.29 -12.68 -11.20
CA ILE A 25 -13.96 -11.24 -11.04
C ILE A 25 -14.08 -10.61 -12.44
N LEU A 26 -14.50 -9.35 -12.50
CA LEU A 26 -14.58 -8.58 -13.77
C LEU A 26 -13.37 -7.68 -13.89
N LYS A 27 -12.74 -7.66 -15.07
CA LYS A 27 -11.64 -6.74 -15.39
C LYS A 27 -12.01 -5.97 -16.67
N ARG A 28 -11.79 -4.65 -16.66
CA ARG A 28 -12.08 -3.76 -17.83
C ARG A 28 -11.45 -4.36 -19.09
N CYS A 29 -12.28 -4.67 -20.10
CA CYS A 29 -11.87 -5.22 -21.41
C CYS A 29 -10.89 -4.27 -22.11
N SER A 30 -9.72 -4.79 -22.48
CA SER A 30 -8.71 -4.19 -23.41
C SER A 30 -8.61 -5.15 -24.60
N GLU A 31 -8.46 -4.64 -25.82
CA GLU A 31 -8.59 -5.51 -27.01
C GLU A 31 -7.40 -6.47 -27.09
N PRO A 32 -6.14 -6.03 -26.84
CA PRO A 32 -5.01 -6.94 -26.85
C PRO A 32 -5.22 -8.05 -25.82
N GLU A 33 -5.67 -7.71 -24.61
CA GLU A 33 -5.86 -8.68 -23.51
C GLU A 33 -6.96 -9.69 -23.86
N ARG A 34 -8.07 -9.24 -24.44
CA ARG A 34 -9.19 -10.14 -24.83
C ARG A 34 -8.68 -11.15 -25.87
N TYR A 35 -8.01 -10.67 -26.92
CA TYR A 35 -7.38 -11.50 -27.97
C TYR A 35 -6.49 -12.57 -27.30
N CYS A 36 -5.61 -12.13 -26.39
CA CYS A 36 -4.62 -13.01 -25.71
C CYS A 36 -5.32 -14.08 -24.87
N LEU A 37 -6.27 -13.71 -24.00
CA LEU A 37 -6.92 -14.70 -23.10
C LEU A 37 -7.70 -15.73 -23.93
N ALA A 38 -8.36 -15.31 -25.01
CA ALA A 38 -9.09 -16.23 -25.91
C ALA A 38 -8.11 -17.25 -26.50
N ARG A 39 -6.94 -16.82 -26.99
CA ARG A 39 -5.89 -17.73 -27.53
C ARG A 39 -5.39 -18.68 -26.42
N LEU A 40 -5.12 -18.14 -25.22
CA LEU A 40 -4.47 -18.89 -24.12
C LEU A 40 -5.38 -20.04 -23.62
N MET A 41 -6.70 -19.88 -23.68
CA MET A 41 -7.63 -20.96 -23.27
C MET A 41 -7.46 -22.20 -24.17
N ALA A 42 -6.90 -22.05 -25.38
CA ALA A 42 -6.70 -23.16 -26.34
C ALA A 42 -5.21 -23.52 -26.45
N ASP A 43 -4.38 -22.97 -25.56
CA ASP A 43 -2.91 -23.09 -25.67
C ASP A 43 -2.44 -24.04 -24.58
N ALA A 44 -1.21 -24.55 -24.68
CA ALA A 44 -0.51 -25.28 -23.61
C ALA A 44 -0.61 -24.48 -22.30
N LEU A 45 -0.68 -23.14 -22.37
CA LEU A 45 -0.60 -22.27 -21.16
C LEU A 45 -1.95 -22.13 -20.46
N ARG A 46 -3.00 -22.81 -20.96
CA ARG A 46 -4.39 -22.76 -20.43
C ARG A 46 -4.39 -22.80 -18.89
N GLY A 47 -3.64 -23.73 -18.29
CA GLY A 47 -3.65 -23.95 -16.83
C GLY A 47 -2.78 -22.97 -16.05
N CYS A 48 -1.98 -22.16 -16.75
CA CYS A 48 -0.98 -21.24 -16.15
C CYS A 48 -1.54 -19.81 -16.10
N VAL A 49 -2.79 -19.59 -16.53
CA VAL A 49 -3.44 -18.25 -16.60
C VAL A 49 -4.84 -18.37 -16.01
N PRO A 50 -5.44 -17.26 -15.53
CA PRO A 50 -6.79 -17.31 -15.00
C PRO A 50 -7.73 -17.74 -16.12
N ALA A 51 -8.70 -18.60 -15.78
CA ALA A 51 -9.79 -19.01 -16.70
C ALA A 51 -10.46 -17.74 -17.21
N PHE A 52 -10.73 -17.69 -18.51
CA PHE A 52 -11.41 -16.58 -19.19
C PHE A 52 -12.76 -17.10 -19.68
N HIS A 53 -13.87 -16.52 -19.21
CA HIS A 53 -15.24 -17.04 -19.49
C HIS A 53 -15.97 -16.20 -20.54
N GLY A 54 -15.33 -15.18 -21.09
CA GLY A 54 -15.93 -14.30 -22.12
C GLY A 54 -16.09 -12.88 -21.61
N VAL A 55 -16.82 -12.05 -22.35
CA VAL A 55 -17.01 -10.60 -22.04
C VAL A 55 -18.46 -10.39 -21.60
N VAL A 56 -18.69 -9.51 -20.62
CA VAL A 56 -20.04 -9.10 -20.15
C VAL A 56 -20.11 -7.56 -20.13
N GLU A 57 -21.32 -7.02 -20.32
CA GLU A 57 -21.63 -5.56 -20.28
C GLU A 57 -22.13 -5.20 -18.87
N ARG A 58 -21.56 -4.17 -18.26
CA ARG A 58 -21.98 -3.67 -16.92
C ARG A 58 -21.87 -2.13 -16.91
N ASP A 59 -23.01 -1.44 -16.80
CA ASP A 59 -23.12 0.05 -16.88
C ASP A 59 -22.53 0.50 -18.23
N GLY A 60 -23.03 -0.11 -19.32
CA GLY A 60 -22.70 0.21 -20.72
C GLY A 60 -21.22 0.12 -21.02
N GLU A 61 -20.47 -0.76 -20.33
CA GLU A 61 -19.01 -0.96 -20.58
C GLU A 61 -18.66 -2.45 -20.52
N SER A 62 -17.61 -2.84 -21.24
CA SER A 62 -17.19 -4.25 -21.48
C SER A 62 -16.25 -4.72 -20.36
N TYR A 63 -16.47 -5.91 -19.82
CA TYR A 63 -15.61 -6.53 -18.78
C TYR A 63 -15.27 -7.97 -19.16
N LEU A 64 -13.98 -8.32 -19.04
CA LEU A 64 -13.48 -9.73 -19.02
C LEU A 64 -14.03 -10.40 -17.76
N GLN A 65 -14.72 -11.53 -17.93
CA GLN A 65 -15.14 -12.42 -16.83
C GLN A 65 -13.99 -13.39 -16.57
N LEU A 66 -13.27 -13.19 -15.46
CA LEU A 66 -12.06 -13.98 -15.10
C LEU A 66 -12.32 -14.79 -13.83
N GLN A 67 -11.67 -15.95 -13.76
CA GLN A 67 -11.40 -16.66 -12.49
C GLN A 67 -10.80 -15.69 -11.48
N ASP A 68 -11.38 -15.65 -10.28
CA ASP A 68 -10.78 -14.99 -9.09
C ASP A 68 -9.72 -15.92 -8.53
N LEU A 69 -8.46 -15.62 -8.77
CA LEU A 69 -7.31 -16.48 -8.36
C LEU A 69 -7.24 -16.60 -6.83
N LEU A 70 -7.89 -15.71 -6.05
CA LEU A 70 -7.80 -15.71 -4.57
C LEU A 70 -8.87 -16.63 -3.96
N ASP A 71 -9.83 -17.10 -4.76
CA ASP A 71 -11.05 -17.85 -4.32
C ASP A 71 -10.70 -19.13 -3.55
N GLY A 72 -9.67 -19.87 -3.96
CA GLY A 72 -9.31 -21.16 -3.35
C GLY A 72 -8.62 -21.01 -1.99
N PHE A 73 -8.23 -19.80 -1.60
CA PHE A 73 -7.27 -19.55 -0.49
C PHE A 73 -8.00 -19.01 0.75
N ASP A 74 -7.48 -19.36 1.93
CA ASP A 74 -8.00 -18.87 3.24
C ASP A 74 -7.04 -17.79 3.76
N GLY A 75 -7.37 -16.52 3.53
CA GLY A 75 -6.55 -15.36 3.89
C GLY A 75 -5.26 -15.31 3.08
N PRO A 76 -5.34 -15.13 1.74
CA PRO A 76 -4.15 -15.15 0.89
C PRO A 76 -3.15 -14.00 1.09
N CYS A 77 -1.86 -14.37 1.04
CA CYS A 77 -0.67 -13.53 0.78
C CYS A 77 -0.43 -13.53 -0.74
N VAL A 78 -0.16 -12.37 -1.32
CA VAL A 78 -0.07 -12.17 -2.80
C VAL A 78 1.21 -11.37 -3.06
N LEU A 79 2.02 -11.83 -4.01
CA LEU A 79 3.17 -11.07 -4.53
C LEU A 79 3.04 -10.99 -6.05
N ASP A 80 3.18 -9.78 -6.58
CA ASP A 80 3.06 -9.47 -8.03
C ASP A 80 4.48 -9.25 -8.54
N CYS A 81 4.91 -10.07 -9.49
CA CYS A 81 6.28 -10.03 -10.04
C CYS A 81 6.18 -9.64 -11.53
N LYS A 82 6.60 -8.43 -11.91
CA LYS A 82 6.56 -7.98 -13.32
C LYS A 82 7.69 -8.63 -14.12
N MET A 83 7.36 -9.34 -15.19
CA MET A 83 8.29 -10.22 -15.92
C MET A 83 8.82 -9.48 -17.16
N GLY A 84 10.11 -9.60 -17.39
CA GLY A 84 10.76 -9.14 -18.63
C GLY A 84 11.85 -8.12 -18.35
N VAL A 85 12.82 -8.02 -19.26
CA VAL A 85 13.93 -7.04 -19.18
C VAL A 85 13.40 -5.69 -19.66
N ARG A 86 12.38 -5.71 -20.53
CA ARG A 86 11.77 -4.51 -21.15
C ARG A 86 10.30 -4.47 -20.73
N THR A 87 9.77 -3.28 -20.43
CA THR A 87 8.45 -3.08 -19.77
C THR A 87 7.57 -2.14 -20.60
N TYR A 88 8.00 -1.80 -21.82
CA TYR A 88 7.25 -0.94 -22.77
C TYR A 88 7.40 -1.52 -24.19
N LEU A 89 6.43 -1.23 -25.07
CA LEU A 89 6.45 -1.64 -26.49
C LEU A 89 7.47 -0.79 -27.26
N GLU A 90 8.06 -1.34 -28.33
CA GLU A 90 9.05 -0.62 -29.17
C GLU A 90 8.38 0.59 -29.82
N GLU A 91 7.07 0.55 -30.06
CA GLU A 91 6.31 1.65 -30.73
C GLU A 91 6.38 2.90 -29.84
N GLU A 92 6.47 2.75 -28.52
CA GLU A 92 6.65 3.89 -27.59
C GLU A 92 7.94 4.63 -27.94
N LEU A 93 8.99 3.91 -28.35
CA LEU A 93 10.30 4.53 -28.71
C LEU A 93 10.14 5.39 -29.96
N THR A 94 9.40 4.90 -30.95
CA THR A 94 9.06 5.64 -32.21
C THR A 94 8.26 6.89 -31.85
N LYS A 95 7.19 6.75 -31.06
CA LYS A 95 6.28 7.88 -30.68
C LYS A 95 7.05 8.98 -29.96
N ALA A 96 8.00 8.63 -29.08
CA ALA A 96 8.77 9.58 -28.24
C ALA A 96 9.79 10.35 -29.09
N ARG A 97 10.16 9.82 -30.25
CA ARG A 97 11.13 10.46 -31.18
C ARG A 97 10.41 11.44 -32.10
N GLU A 98 9.27 11.02 -32.64
CA GLU A 98 8.50 11.76 -33.67
C GLU A 98 7.58 12.79 -33.01
N ARG A 99 7.09 12.50 -31.80
CA ARG A 99 5.93 13.20 -31.20
C ARG A 99 5.88 12.94 -29.70
N PRO A 100 6.91 13.36 -28.92
CA PRO A 100 6.98 13.02 -27.50
C PRO A 100 5.85 13.66 -26.67
N LYS A 101 5.12 12.83 -25.91
CA LYS A 101 4.22 13.26 -24.81
C LYS A 101 5.08 13.42 -23.55
N LEU A 102 5.47 14.66 -23.22
CA LEU A 102 6.20 14.96 -21.97
C LEU A 102 5.26 14.65 -20.79
N ARG A 103 5.77 13.95 -19.79
CA ARG A 103 5.00 13.47 -18.62
C ARG A 103 5.59 14.09 -17.35
N LYS A 104 4.87 15.01 -16.72
CA LYS A 104 5.39 15.75 -15.54
C LYS A 104 5.30 14.84 -14.30
N ASP A 105 4.29 13.98 -14.23
CA ASP A 105 4.17 12.98 -13.12
C ASP A 105 5.41 12.11 -13.09
N MET A 106 5.82 11.59 -14.25
CA MET A 106 6.96 10.64 -14.34
C MET A 106 8.24 11.35 -13.93
N TYR A 107 8.38 12.66 -14.22
CA TYR A 107 9.54 13.48 -13.78
C TYR A 107 9.58 13.51 -12.24
N LYS A 108 8.44 13.75 -11.57
CA LYS A 108 8.44 13.94 -10.09
C LYS A 108 8.79 12.60 -9.40
N LYS A 109 8.30 11.46 -9.91
CA LYS A 109 8.64 10.13 -9.34
C LYS A 109 10.15 9.89 -9.44
N MET A 110 10.76 10.29 -10.57
CA MET A 110 12.21 10.18 -10.82
C MET A 110 13.01 10.99 -9.79
N LEU A 111 12.76 12.30 -9.71
CA LEU A 111 13.44 13.23 -8.75
C LEU A 111 13.51 12.58 -7.36
N ALA A 112 12.36 12.10 -6.88
CA ALA A 112 12.15 11.49 -5.55
C ALA A 112 13.21 10.40 -5.29
N VAL A 113 13.39 9.47 -6.23
CA VAL A 113 14.31 8.31 -6.06
C VAL A 113 15.75 8.79 -6.20
N ASP A 114 16.06 9.51 -7.30
CA ASP A 114 17.42 10.03 -7.60
C ASP A 114 17.29 11.42 -8.18
N PRO A 115 17.65 12.49 -7.42
CA PRO A 115 17.54 13.85 -7.93
C PRO A 115 18.55 14.13 -9.07
N GLU A 116 19.63 13.35 -9.15
CA GLU A 116 20.69 13.50 -10.19
C GLU A 116 20.34 12.73 -11.47
N ALA A 117 19.23 11.97 -11.47
CA ALA A 117 18.86 11.06 -12.58
C ALA A 117 18.40 11.85 -13.80
N PRO A 118 17.44 12.80 -13.68
CA PRO A 118 16.99 13.59 -14.84
C PRO A 118 18.15 14.41 -15.43
N THR A 119 18.13 14.60 -16.75
CA THR A 119 19.11 15.44 -17.50
C THR A 119 18.80 16.92 -17.23
N GLU A 120 19.72 17.82 -17.60
CA GLU A 120 19.54 19.29 -17.48
C GLU A 120 18.23 19.69 -18.18
N GLU A 121 17.95 19.11 -19.35
CA GLU A 121 16.77 19.47 -20.20
C GLU A 121 15.50 18.95 -19.53
N GLU A 122 15.54 17.74 -18.99
CA GLU A 122 14.36 17.16 -18.29
C GLU A 122 14.00 18.06 -17.09
N HIS A 123 15.00 18.46 -16.29
CA HIS A 123 14.87 19.40 -15.15
C HIS A 123 14.21 20.71 -15.64
N ALA A 124 14.69 21.25 -16.76
CA ALA A 124 14.13 22.44 -17.42
C ALA A 124 12.68 22.19 -17.84
N GLN A 125 12.39 21.03 -18.44
CA GLN A 125 11.04 20.61 -18.88
C GLN A 125 10.14 20.32 -17.67
N ARG A 126 10.72 19.93 -16.52
CA ARG A 126 9.99 19.30 -15.39
C ARG A 126 9.15 18.12 -15.93
N ALA A 127 9.67 17.39 -16.91
CA ALA A 127 8.93 16.32 -17.64
C ALA A 127 9.88 15.36 -18.36
N VAL A 128 9.47 14.10 -18.52
CA VAL A 128 10.25 13.05 -19.23
C VAL A 128 9.32 12.29 -20.17
N THR A 129 9.87 11.59 -21.15
CA THR A 129 9.12 10.68 -22.06
C THR A 129 8.83 9.39 -21.28
N LYS A 130 7.81 8.64 -21.69
CA LYS A 130 7.43 7.37 -21.01
C LYS A 130 8.58 6.37 -21.13
N PRO A 131 9.11 6.08 -22.34
CA PRO A 131 10.20 5.13 -22.50
C PRO A 131 11.40 5.46 -21.59
N ARG A 132 11.75 6.73 -21.48
CA ARG A 132 12.88 7.20 -20.65
C ARG A 132 12.64 6.81 -19.19
N TYR A 133 11.45 7.12 -18.69
CA TYR A 133 10.98 6.81 -17.31
C TYR A 133 11.02 5.30 -17.09
N MET A 134 10.43 4.53 -18.02
CA MET A 134 10.35 3.05 -17.93
C MET A 134 11.77 2.44 -17.95
N GLN A 135 12.68 2.94 -18.80
CA GLN A 135 14.08 2.44 -18.86
C GLN A 135 14.79 2.73 -17.53
N TRP A 136 14.54 3.91 -16.97
CA TRP A 136 15.10 4.29 -15.65
C TRP A 136 14.57 3.34 -14.57
N ARG A 137 13.25 3.13 -14.51
CA ARG A 137 12.57 2.18 -13.57
C ARG A 137 13.23 0.80 -13.70
N GLU A 138 13.49 0.33 -14.92
CA GLU A 138 14.07 -1.00 -15.19
C GLU A 138 15.47 -1.08 -14.56
N GLY A 139 16.23 0.03 -14.58
CA GLY A 139 17.66 0.02 -14.21
C GLY A 139 17.88 0.11 -12.71
N ILE A 140 16.98 0.73 -11.96
CA ILE A 140 17.16 0.91 -10.48
C ILE A 140 16.51 -0.26 -9.74
N SER A 141 15.62 -0.99 -10.42
CA SER A 141 15.08 -2.28 -9.93
C SER A 141 15.88 -3.43 -10.55
N SER A 142 15.41 -4.66 -10.40
CA SER A 142 16.09 -5.87 -10.93
C SER A 142 15.72 -6.13 -12.39
N SER A 143 14.84 -5.34 -13.02
CA SER A 143 14.31 -5.63 -14.38
C SER A 143 15.47 -5.80 -15.39
N THR A 144 16.36 -4.82 -15.49
CA THR A 144 17.42 -4.80 -16.53
C THR A 144 18.36 -6.01 -16.34
N THR A 145 18.80 -6.28 -15.11
CA THR A 145 19.88 -7.25 -14.80
C THR A 145 19.33 -8.67 -14.67
N LEU A 146 18.18 -8.86 -14.00
CA LEU A 146 17.64 -10.22 -13.66
C LEU A 146 16.41 -10.56 -14.52
N GLY A 147 15.78 -9.56 -15.16
CA GLY A 147 14.67 -9.79 -16.09
C GLY A 147 13.32 -9.95 -15.40
N PHE A 148 13.21 -9.50 -14.16
CA PHE A 148 11.92 -9.38 -13.46
C PHE A 148 12.06 -8.35 -12.34
N ARG A 149 10.95 -7.92 -11.76
CA ARG A 149 10.98 -7.10 -10.53
C ARG A 149 9.73 -7.35 -9.71
N ILE A 150 9.91 -7.28 -8.39
CA ILE A 150 8.78 -7.31 -7.44
C ILE A 150 8.06 -5.96 -7.54
N GLU A 151 6.74 -5.99 -7.77
CA GLU A 151 5.91 -4.75 -7.82
C GLU A 151 5.25 -4.50 -6.47
N GLY A 152 4.78 -5.55 -5.80
CA GLY A 152 3.90 -5.35 -4.64
C GLY A 152 3.66 -6.62 -3.86
N ILE A 153 3.38 -6.46 -2.56
CA ILE A 153 2.89 -7.57 -1.70
C ILE A 153 1.60 -7.13 -0.99
N LYS A 154 0.62 -8.03 -0.91
CA LYS A 154 -0.53 -7.92 0.02
C LYS A 154 -0.42 -9.10 0.98
N LYS A 155 -0.23 -8.82 2.28
CA LYS A 155 -0.05 -9.87 3.32
C LYS A 155 -1.41 -10.30 3.83
N ALA A 156 -1.43 -11.39 4.59
CA ALA A 156 -2.64 -11.99 5.19
C ALA A 156 -3.20 -11.08 6.30
N ASP A 157 -2.38 -10.18 6.87
CA ASP A 157 -2.80 -9.25 7.96
C ASP A 157 -3.49 -7.99 7.38
N GLY A 158 -3.67 -7.89 6.05
CA GLY A 158 -4.35 -6.77 5.41
C GLY A 158 -3.36 -5.72 4.92
N SER A 159 -2.11 -5.76 5.43
CA SER A 159 -1.02 -4.85 5.05
C SER A 159 -0.61 -5.10 3.59
N CYS A 160 -0.35 -4.00 2.87
CA CYS A 160 0.10 -3.98 1.46
C CYS A 160 1.32 -3.07 1.37
N SER A 161 2.23 -3.39 0.45
CA SER A 161 3.43 -2.58 0.16
C SER A 161 3.74 -2.61 -1.33
N THR A 162 4.11 -1.45 -1.87
CA THR A 162 4.66 -1.27 -3.24
C THR A 162 6.07 -0.69 -3.13
N ASP A 163 6.68 -0.75 -1.93
CA ASP A 163 7.98 -0.09 -1.66
C ASP A 163 9.14 -0.96 -2.17
N PHE A 164 9.26 -1.16 -3.49
CA PHE A 164 10.27 -2.07 -4.10
C PHE A 164 11.02 -1.42 -5.27
N LYS A 165 10.97 -0.09 -5.42
CA LYS A 165 11.51 0.54 -6.66
C LYS A 165 13.04 0.40 -6.72
N THR A 166 13.74 0.26 -5.59
CA THR A 166 15.22 0.11 -5.58
C THR A 166 15.60 -1.30 -5.14
N THR A 167 14.68 -2.26 -5.24
CA THR A 167 15.00 -3.68 -4.99
C THR A 167 15.65 -4.20 -6.27
N ARG A 168 16.97 -4.43 -6.24
CA ARG A 168 17.74 -4.64 -7.49
C ARG A 168 18.63 -5.89 -7.44
N SER A 169 19.40 -6.09 -6.36
CA SER A 169 20.41 -7.17 -6.28
C SER A 169 19.71 -8.51 -6.09
N ARG A 170 20.34 -9.58 -6.56
CA ARG A 170 19.84 -10.97 -6.37
C ARG A 170 19.48 -11.16 -4.89
N GLU A 171 20.36 -10.75 -3.98
CA GLU A 171 20.21 -11.00 -2.52
C GLU A 171 19.06 -10.15 -1.96
N GLN A 172 18.88 -8.91 -2.42
CA GLN A 172 17.71 -8.04 -2.07
C GLN A 172 16.41 -8.73 -2.49
N VAL A 173 16.37 -9.26 -3.69
CA VAL A 173 15.16 -9.99 -4.18
C VAL A 173 14.92 -11.20 -3.28
N LEU A 174 15.97 -11.96 -2.97
CA LEU A 174 15.84 -13.18 -2.14
C LEU A 174 15.23 -12.80 -0.78
N ARG A 175 15.68 -11.71 -0.18
CA ARG A 175 15.20 -11.28 1.17
C ARG A 175 13.71 -10.93 1.12
N VAL A 176 13.21 -10.37 0.04
CA VAL A 176 11.75 -10.08 -0.11
C VAL A 176 10.99 -11.42 -0.14
N PHE A 177 11.43 -12.39 -0.94
CA PHE A 177 10.75 -13.71 -0.99
C PHE A 177 10.85 -14.41 0.36
N GLU A 178 12.03 -14.36 0.99
CA GLU A 178 12.26 -14.94 2.35
C GLU A 178 11.22 -14.39 3.31
N GLU A 179 11.00 -13.07 3.34
CA GLU A 179 9.99 -12.46 4.24
C GLU A 179 8.57 -12.84 3.79
N PHE A 180 8.32 -12.92 2.47
CA PHE A 180 6.98 -13.25 1.92
C PHE A 180 6.55 -14.66 2.34
N VAL A 181 7.44 -15.64 2.33
CA VAL A 181 7.03 -17.06 2.60
C VAL A 181 7.14 -17.36 4.11
N GLN A 182 7.79 -16.50 4.89
CA GLN A 182 7.77 -16.57 6.38
C GLN A 182 8.16 -17.98 6.84
N GLY A 183 9.20 -18.57 6.24
CA GLY A 183 9.80 -19.85 6.63
C GLY A 183 8.91 -21.06 6.35
N ASP A 184 7.87 -20.95 5.53
CA ASP A 184 6.97 -22.08 5.19
C ASP A 184 7.62 -22.90 4.07
N GLU A 185 8.27 -24.01 4.43
CA GLU A 185 9.04 -24.87 3.48
C GLU A 185 8.08 -25.44 2.43
N GLU A 186 6.84 -25.74 2.80
CA GLU A 186 5.86 -26.38 1.90
C GLU A 186 5.44 -25.37 0.81
N VAL A 187 5.17 -24.12 1.20
CA VAL A 187 4.78 -23.06 0.23
C VAL A 187 5.93 -22.88 -0.77
N LEU A 188 7.16 -22.77 -0.28
CA LEU A 188 8.32 -22.52 -1.18
C LEU A 188 8.49 -23.71 -2.13
N ARG A 189 8.36 -24.94 -1.62
CA ARG A 189 8.54 -26.15 -2.45
C ARG A 189 7.46 -26.13 -3.54
N ARG A 190 6.22 -25.81 -3.17
CA ARG A 190 5.07 -25.78 -4.11
C ARG A 190 5.28 -24.67 -5.15
N TYR A 191 5.76 -23.50 -4.72
CA TYR A 191 6.05 -22.40 -5.66
C TYR A 191 7.11 -22.88 -6.66
N LEU A 192 8.18 -23.53 -6.20
CA LEU A 192 9.28 -23.94 -7.10
C LEU A 192 8.76 -24.99 -8.09
N ASN A 193 7.95 -25.92 -7.61
CA ASN A 193 7.39 -26.98 -8.48
C ASN A 193 6.52 -26.32 -9.55
N ARG A 194 5.71 -25.33 -9.17
CA ARG A 194 4.81 -24.63 -10.11
C ARG A 194 5.65 -23.84 -11.12
N LEU A 195 6.67 -23.12 -10.67
CA LEU A 195 7.52 -22.34 -11.60
C LEU A 195 8.23 -23.28 -12.59
N GLN A 196 8.76 -24.43 -12.14
CA GLN A 196 9.42 -25.41 -13.05
C GLN A 196 8.43 -25.87 -14.11
N GLN A 197 7.19 -26.12 -13.72
CA GLN A 197 6.14 -26.64 -14.62
C GLN A 197 5.70 -25.52 -15.57
N ILE A 198 5.61 -24.28 -15.09
CA ILE A 198 5.34 -23.08 -15.94
C ILE A 198 6.47 -22.93 -16.97
N ARG A 199 7.74 -22.97 -16.58
CA ARG A 199 8.88 -22.80 -17.53
C ARG A 199 8.74 -23.85 -18.64
N ASP A 200 8.48 -25.10 -18.26
CA ASP A 200 8.33 -26.21 -19.25
C ASP A 200 7.21 -25.89 -20.24
N THR A 201 6.07 -25.41 -19.76
CA THR A 201 4.87 -25.07 -20.58
C THR A 201 5.20 -23.91 -21.51
N LEU A 202 5.91 -22.89 -21.01
CA LEU A 202 6.29 -21.73 -21.85
C LEU A 202 7.20 -22.21 -22.99
N GLU A 203 8.10 -23.15 -22.72
CA GLU A 203 9.14 -23.55 -23.70
C GLU A 203 8.52 -24.36 -24.85
N VAL A 204 7.27 -24.83 -24.71
CA VAL A 204 6.59 -25.61 -25.78
C VAL A 204 5.35 -24.86 -26.31
N SER A 205 4.93 -23.77 -25.64
CA SER A 205 3.70 -23.01 -25.95
C SER A 205 3.77 -22.42 -27.36
N GLU A 206 2.73 -22.64 -28.17
CA GLU A 206 2.61 -22.04 -29.52
C GLU A 206 2.38 -20.53 -29.36
N PHE A 207 1.48 -20.15 -28.45
CA PHE A 207 1.26 -18.74 -28.08
C PHE A 207 2.59 -18.06 -27.76
N PHE A 208 3.40 -18.64 -26.87
CA PHE A 208 4.58 -17.95 -26.28
C PHE A 208 5.66 -17.70 -27.34
N ARG A 209 5.92 -18.66 -28.24
CA ARG A 209 7.01 -18.47 -29.23
C ARG A 209 6.59 -17.39 -30.24
N ARG A 210 5.28 -17.15 -30.42
N ARG A 210 5.29 -17.14 -30.42
CA ARG A 210 4.71 -16.27 -31.47
CA ARG A 210 4.76 -16.23 -31.48
C ARG A 210 4.46 -14.84 -30.95
C ARG A 210 4.28 -14.89 -30.91
N HIS A 211 4.55 -14.60 -29.64
CA HIS A 211 4.11 -13.33 -29.00
C HIS A 211 5.23 -12.70 -28.19
N GLU A 212 5.33 -11.38 -28.29
CA GLU A 212 6.14 -10.48 -27.45
C GLU A 212 5.35 -10.22 -26.18
N VAL A 213 5.85 -10.68 -25.04
CA VAL A 213 5.09 -10.64 -23.76
C VAL A 213 5.69 -9.52 -22.88
N ILE A 214 5.05 -8.35 -22.91
CA ILE A 214 5.56 -7.13 -22.23
C ILE A 214 4.52 -6.72 -21.18
N GLY A 215 4.99 -6.41 -19.98
CA GLY A 215 4.14 -5.83 -18.91
C GLY A 215 3.31 -6.87 -18.19
N SER A 216 3.52 -8.18 -18.44
CA SER A 216 2.79 -9.27 -17.76
C SER A 216 3.46 -9.52 -16.40
N SER A 217 2.74 -10.13 -15.48
CA SER A 217 3.23 -10.49 -14.13
C SER A 217 3.02 -11.98 -13.88
N LEU A 218 3.81 -12.49 -12.94
CA LEU A 218 3.55 -13.76 -12.24
C LEU A 218 2.95 -13.37 -10.89
N LEU A 219 1.74 -13.85 -10.64
CA LEU A 219 1.05 -13.65 -9.35
C LEU A 219 1.27 -14.88 -8.48
N PHE A 220 2.04 -14.70 -7.40
CA PHE A 220 2.26 -15.72 -6.35
C PHE A 220 1.20 -15.55 -5.28
N VAL A 221 0.50 -16.64 -4.94
CA VAL A 221 -0.58 -16.62 -3.93
C VAL A 221 -0.37 -17.79 -2.98
N HIS A 222 -0.31 -17.54 -1.68
CA HIS A 222 -0.29 -18.64 -0.68
C HIS A 222 -1.12 -18.27 0.54
N ASP A 223 -1.36 -19.27 1.40
CA ASP A 223 -2.13 -19.06 2.64
C ASP A 223 -1.52 -19.90 3.76
N HIS A 224 -2.08 -19.78 4.96
CA HIS A 224 -1.54 -20.42 6.19
C HIS A 224 -1.80 -21.93 6.18
N CYS A 225 -2.67 -22.42 5.29
CA CYS A 225 -2.95 -23.87 5.07
C CYS A 225 -1.94 -24.50 4.10
N HIS A 226 -0.94 -23.72 3.67
CA HIS A 226 0.20 -24.10 2.78
C HIS A 226 -0.25 -24.27 1.33
N ARG A 227 -1.47 -23.84 0.97
N ARG A 227 -1.47 -23.83 0.98
CA ARG A 227 -1.92 -23.74 -0.44
CA ARG A 227 -1.92 -23.76 -0.44
C ARG A 227 -1.03 -22.71 -1.13
C ARG A 227 -1.06 -22.70 -1.13
N ALA A 228 -0.53 -23.01 -2.33
CA ALA A 228 0.34 -22.08 -3.08
C ALA A 228 0.08 -22.25 -4.57
N GLY A 229 -0.09 -21.13 -5.26
CA GLY A 229 -0.34 -21.08 -6.70
C GLY A 229 0.44 -19.96 -7.33
N VAL A 230 0.74 -20.10 -8.61
CA VAL A 230 1.36 -19.03 -9.42
C VAL A 230 0.61 -18.99 -10.75
N TRP A 231 0.24 -17.80 -11.21
CA TRP A 231 -0.38 -17.64 -12.54
C TRP A 231 0.28 -16.50 -13.27
N LEU A 232 0.30 -16.55 -14.60
CA LEU A 232 0.66 -15.39 -15.46
C LEU A 232 -0.60 -14.54 -15.56
N ILE A 233 -0.49 -13.22 -15.43
CA ILE A 233 -1.63 -12.28 -15.58
C ILE A 233 -1.17 -11.06 -16.39
N ASP A 234 -2.15 -10.33 -16.91
CA ASP A 234 -2.03 -8.98 -17.54
C ASP A 234 -1.39 -9.10 -18.92
N PHE A 235 -2.24 -9.34 -19.92
CA PHE A 235 -1.82 -9.53 -21.33
C PHE A 235 -2.18 -8.28 -22.14
N GLY A 236 -2.26 -7.14 -21.46
CA GLY A 236 -2.62 -5.83 -22.04
C GLY A 236 -1.58 -5.31 -23.01
N LYS A 237 -0.33 -5.79 -22.95
CA LYS A 237 0.76 -5.37 -23.88
C LYS A 237 1.44 -6.57 -24.52
N THR A 238 0.74 -7.69 -24.65
CA THR A 238 1.24 -8.92 -25.33
C THR A 238 0.70 -8.89 -26.76
N THR A 239 1.60 -8.86 -27.74
CA THR A 239 1.27 -8.65 -29.18
C THR A 239 1.91 -9.74 -30.04
N PRO A 240 1.23 -10.20 -31.10
CA PRO A 240 1.78 -11.24 -31.97
C PRO A 240 2.94 -10.70 -32.82
N LEU A 241 3.94 -11.54 -33.08
CA LEU A 241 5.06 -11.19 -33.99
C LEU A 241 4.54 -11.27 -35.41
N PRO A 242 5.11 -10.48 -36.34
CA PRO A 242 4.68 -10.50 -37.74
C PRO A 242 5.01 -11.81 -38.45
N ASP A 243 4.17 -12.17 -39.43
CA ASP A 243 4.42 -13.19 -40.49
C ASP A 243 5.32 -14.31 -39.96
N GLY A 244 4.85 -15.07 -38.96
CA GLY A 244 5.51 -16.30 -38.48
C GLY A 244 6.95 -16.08 -38.04
N GLN A 245 7.26 -14.93 -37.44
CA GLN A 245 8.58 -14.67 -36.79
C GLN A 245 8.47 -15.19 -35.36
N ILE A 246 9.58 -15.61 -34.72
CA ILE A 246 9.53 -16.16 -33.32
C ILE A 246 10.61 -15.53 -32.46
N LEU A 247 10.40 -15.55 -31.13
CA LEU A 247 11.37 -15.09 -30.10
C LEU A 247 11.90 -16.31 -29.34
N ASP A 248 13.12 -16.19 -28.79
CA ASP A 248 13.72 -17.18 -27.86
C ASP A 248 13.45 -16.72 -26.41
N HIS A 249 13.12 -15.44 -26.18
CA HIS A 249 12.71 -14.89 -24.85
C HIS A 249 13.87 -14.94 -23.85
N ARG A 250 15.10 -15.17 -24.31
CA ARG A 250 16.31 -15.21 -23.45
C ARG A 250 17.31 -14.15 -23.92
N ARG A 251 17.46 -13.96 -25.23
CA ARG A 251 18.56 -13.12 -25.79
C ARG A 251 18.30 -11.66 -25.44
N PRO A 252 19.37 -10.83 -25.33
CA PRO A 252 19.20 -9.42 -25.01
C PRO A 252 18.31 -8.66 -26.00
N TRP A 253 17.60 -7.65 -25.48
CA TRP A 253 16.73 -6.78 -26.31
C TRP A 253 17.60 -5.76 -27.04
N GLU A 254 17.39 -5.64 -28.36
CA GLU A 254 17.96 -4.59 -29.22
C GLU A 254 16.83 -4.10 -30.13
N GLU A 255 16.53 -2.80 -30.06
CA GLU A 255 15.40 -2.16 -30.77
C GLU A 255 15.28 -2.76 -32.18
N GLY A 256 14.12 -3.33 -32.51
CA GLY A 256 13.89 -4.05 -33.78
C GLY A 256 13.69 -5.54 -33.60
N ASN A 257 14.32 -6.16 -32.59
CA ASN A 257 14.28 -7.64 -32.41
C ASN A 257 13.08 -8.05 -31.52
N ARG A 258 12.45 -7.13 -30.80
CA ARG A 258 11.18 -7.36 -30.05
C ARG A 258 11.38 -8.38 -28.92
N GLU A 259 12.61 -8.63 -28.50
CA GLU A 259 12.93 -9.61 -27.43
C GLU A 259 12.52 -9.00 -26.07
N ASP A 260 11.99 -9.82 -25.17
CA ASP A 260 11.37 -9.39 -23.89
C ASP A 260 12.17 -9.91 -22.68
N GLY A 261 13.09 -10.85 -22.88
CA GLY A 261 13.86 -11.51 -21.80
C GLY A 261 12.98 -12.22 -20.77
N TYR A 262 11.74 -12.57 -21.12
CA TYR A 262 10.78 -13.21 -20.19
C TYR A 262 11.42 -14.43 -19.51
N LEU A 263 12.06 -15.32 -20.29
CA LEU A 263 12.61 -16.60 -19.78
C LEU A 263 13.94 -16.35 -19.06
N LEU A 264 14.69 -15.32 -19.41
CA LEU A 264 15.86 -14.88 -18.61
C LEU A 264 15.37 -14.58 -17.19
N GLY A 265 14.27 -13.82 -17.09
CA GLY A 265 13.59 -13.49 -15.82
C GLY A 265 13.19 -14.75 -15.07
N LEU A 266 12.47 -15.63 -15.75
CA LEU A 266 11.90 -16.83 -15.09
C LEU A 266 13.06 -17.72 -14.61
N ASP A 267 14.11 -17.85 -15.41
CA ASP A 267 15.33 -18.62 -15.06
C ASP A 267 15.92 -18.07 -13.76
N ASN A 268 16.10 -16.75 -13.69
CA ASN A 268 16.71 -16.08 -12.51
C ASN A 268 15.80 -16.24 -11.30
N LEU A 269 14.50 -16.13 -11.49
CA LEU A 269 13.49 -16.24 -10.41
C LEU A 269 13.51 -17.65 -9.81
N ILE A 270 13.53 -18.68 -10.67
CA ILE A 270 13.63 -20.10 -10.21
C ILE A 270 14.96 -20.26 -9.45
N GLY A 271 16.06 -19.70 -9.93
CA GLY A 271 17.38 -19.77 -9.31
C GLY A 271 17.38 -19.19 -7.91
N ILE A 272 16.68 -18.07 -7.72
CA ILE A 272 16.62 -17.33 -6.44
C ILE A 272 15.77 -18.14 -5.46
N LEU A 273 14.61 -18.64 -5.90
CA LEU A 273 13.75 -19.48 -5.04
C LEU A 273 14.47 -20.79 -4.67
N ALA A 274 15.20 -21.42 -5.59
CA ALA A 274 15.99 -22.65 -5.33
C ALA A 274 17.09 -22.36 -4.30
N SER A 275 17.72 -21.18 -4.38
CA SER A 275 18.76 -20.72 -3.43
C SER A 275 18.15 -20.53 -2.04
N LEU A 276 17.02 -19.84 -1.98
CA LEU A 276 16.26 -19.61 -0.73
C LEU A 276 15.94 -20.97 -0.09
N ALA A 277 15.52 -21.96 -0.89
CA ALA A 277 15.11 -23.29 -0.39
C ALA A 277 16.27 -23.97 0.34
N GLU A 278 17.51 -23.70 -0.02
CA GLU A 278 18.72 -24.35 0.56
C GLU A 278 19.26 -23.58 1.78
N ARG A 279 18.68 -22.40 2.11
CA ARG A 279 19.22 -21.47 3.14
C ARG A 279 18.86 -21.97 4.54
N GLY B 1 1.89 18.18 -4.89
CA GLY B 1 1.36 18.39 -3.50
C GLY B 1 -0.16 18.45 -3.47
N SER B 2 -0.81 17.29 -3.53
CA SER B 2 -2.29 17.12 -3.40
C SER B 2 -2.57 15.67 -3.02
N HIS B 3 -3.51 15.42 -2.08
CA HIS B 3 -3.84 14.05 -1.60
C HIS B 3 -4.50 13.24 -2.71
N MET B 4 -5.43 13.86 -3.47
CA MET B 4 -6.23 13.21 -4.55
C MET B 4 -5.32 12.90 -5.76
N SER B 5 -4.16 13.54 -5.87
CA SER B 5 -3.09 13.19 -6.84
C SER B 5 -2.53 11.80 -6.48
N TRP B 6 -2.09 11.60 -5.24
CA TRP B 6 -1.72 10.26 -4.71
C TRP B 6 -2.89 9.29 -4.95
N VAL B 7 -4.03 9.57 -4.30
CA VAL B 7 -5.32 8.82 -4.46
C VAL B 7 -5.74 8.88 -5.94
N SER B 15 -14.21 8.05 0.80
CA SER B 15 -13.92 8.89 2.00
C SER B 15 -13.64 10.34 1.57
N PHE B 16 -12.62 10.54 0.72
CA PHE B 16 -12.16 11.87 0.24
C PHE B 16 -12.58 12.06 -1.23
N LYS B 17 -13.02 13.27 -1.58
CA LYS B 17 -13.31 13.71 -2.97
C LYS B 17 -12.52 14.98 -3.29
N ALA B 18 -12.14 15.17 -4.55
CA ALA B 18 -11.47 16.41 -5.04
C ALA B 18 -12.40 17.60 -4.78
N ALA B 19 -11.83 18.74 -4.37
CA ALA B 19 -12.56 20.01 -4.16
C ALA B 19 -12.51 20.83 -5.45
N GLY B 20 -13.49 21.72 -5.65
CA GLY B 20 -13.48 22.73 -6.72
C GLY B 20 -12.30 23.68 -6.54
N THR B 21 -12.12 24.19 -5.32
CA THR B 21 -11.13 25.23 -4.94
C THR B 21 -9.74 24.62 -4.77
N SER B 22 -8.71 25.29 -5.32
CA SER B 22 -7.28 24.89 -5.20
C SER B 22 -6.87 24.94 -3.72
N GLY B 23 -6.14 23.92 -3.26
CA GLY B 23 -5.61 23.84 -1.89
C GLY B 23 -6.62 23.29 -0.89
N LEU B 24 -7.81 22.89 -1.36
CA LEU B 24 -8.86 22.28 -0.51
C LEU B 24 -9.07 20.82 -0.92
N ILE B 25 -9.76 20.08 -0.06
CA ILE B 25 -10.15 18.65 -0.27
C ILE B 25 -11.44 18.44 0.51
N LEU B 26 -12.30 17.54 0.03
CA LEU B 26 -13.60 17.23 0.68
C LEU B 26 -13.46 15.90 1.41
N LYS B 27 -14.07 15.79 2.59
CA LYS B 27 -14.12 14.53 3.38
C LYS B 27 -15.59 14.28 3.72
N ARG B 28 -16.09 13.07 3.46
CA ARG B 28 -17.47 12.64 3.85
C ARG B 28 -17.71 13.14 5.28
N CYS B 29 -18.71 14.01 5.44
CA CYS B 29 -19.11 14.61 6.74
C CYS B 29 -19.65 13.52 7.67
N SER B 30 -19.12 13.48 8.91
CA SER B 30 -19.65 12.71 10.06
C SER B 30 -19.85 13.70 11.22
N GLU B 31 -20.92 13.54 12.00
CA GLU B 31 -21.38 14.60 12.94
C GLU B 31 -20.35 14.83 14.04
N PRO B 32 -19.71 13.77 14.62
CA PRO B 32 -18.66 13.98 15.61
C PRO B 32 -17.52 14.83 15.03
N GLU B 33 -17.03 14.48 13.84
CA GLU B 33 -15.86 15.16 13.21
C GLU B 33 -16.21 16.62 12.91
N ARG B 34 -17.42 16.90 12.41
CA ARG B 34 -17.87 18.28 12.12
C ARG B 34 -17.87 19.08 13.42
N TYR B 35 -18.48 18.52 14.46
CA TYR B 35 -18.57 19.15 15.80
C TYR B 35 -17.15 19.52 16.24
N CYS B 36 -16.21 18.59 16.13
CA CYS B 36 -14.81 18.77 16.63
C CYS B 36 -14.12 19.89 15.86
N LEU B 37 -14.15 19.83 14.52
CA LEU B 37 -13.39 20.76 13.67
C LEU B 37 -13.93 22.19 13.87
N ALA B 38 -15.25 22.34 14.09
CA ALA B 38 -15.87 23.66 14.37
C ALA B 38 -15.30 24.20 15.69
N ARG B 39 -15.23 23.38 16.74
CA ARG B 39 -14.61 23.76 18.04
C ARG B 39 -13.13 24.08 17.83
N LEU B 40 -12.41 23.26 17.06
CA LEU B 40 -10.93 23.36 16.93
C LEU B 40 -10.56 24.68 16.23
N MET B 41 -11.43 25.24 15.38
CA MET B 41 -11.07 26.51 14.68
C MET B 41 -11.01 27.67 15.68
N ALA B 42 -11.65 27.53 16.84
CA ALA B 42 -11.74 28.59 17.87
C ALA B 42 -10.89 28.23 19.10
N ASP B 43 -10.01 27.24 18.97
CA ASP B 43 -9.23 26.66 20.10
C ASP B 43 -7.75 26.96 19.87
N ALA B 44 -6.94 26.84 20.93
CA ALA B 44 -5.45 26.86 20.86
C ALA B 44 -4.94 25.95 19.74
N LEU B 45 -5.59 24.82 19.46
CA LEU B 45 -5.13 23.81 18.47
C LEU B 45 -5.43 24.22 17.02
N ARG B 46 -6.02 25.39 16.82
CA ARG B 46 -6.43 25.86 15.47
C ARG B 46 -5.30 25.62 14.46
N GLY B 47 -4.05 25.98 14.79
CA GLY B 47 -2.89 25.87 13.90
C GLY B 47 -2.40 24.43 13.69
N CYS B 48 -2.86 23.50 14.53
CA CYS B 48 -2.31 22.12 14.62
C CYS B 48 -3.20 21.15 13.86
N VAL B 49 -4.27 21.65 13.24
CA VAL B 49 -5.30 20.82 12.55
C VAL B 49 -5.57 21.46 11.21
N PRO B 50 -6.10 20.69 10.23
CA PRO B 50 -6.41 21.26 8.92
C PRO B 50 -7.50 22.32 9.10
N ALA B 51 -7.36 23.45 8.38
CA ALA B 51 -8.42 24.47 8.28
C ALA B 51 -9.73 23.78 7.85
N PHE B 52 -10.80 24.05 8.59
CA PHE B 52 -12.19 23.59 8.30
C PHE B 52 -12.99 24.80 7.84
N HIS B 53 -13.52 24.76 6.61
CA HIS B 53 -14.17 25.93 5.96
C HIS B 53 -15.69 25.78 5.91
N GLY B 54 -16.22 24.70 6.48
CA GLY B 54 -17.68 24.46 6.56
C GLY B 54 -18.09 23.22 5.80
N VAL B 55 -19.40 22.95 5.78
CA VAL B 55 -20.01 21.76 5.13
C VAL B 55 -20.60 22.20 3.79
N VAL B 56 -20.37 21.42 2.73
CA VAL B 56 -20.93 21.65 1.37
C VAL B 56 -21.70 20.40 0.96
N GLU B 57 -22.57 20.53 -0.04
CA GLU B 57 -23.28 19.38 -0.65
C GLU B 57 -22.66 19.09 -2.02
N ARG B 58 -22.20 17.85 -2.25
CA ARG B 58 -21.70 17.37 -3.56
C ARG B 58 -22.45 16.09 -3.94
N ASP B 59 -23.24 16.14 -5.02
CA ASP B 59 -24.02 14.99 -5.56
C ASP B 59 -24.91 14.41 -4.45
N GLY B 60 -25.67 15.26 -3.75
CA GLY B 60 -26.65 14.83 -2.74
C GLY B 60 -26.01 14.27 -1.47
N GLU B 61 -24.77 14.64 -1.15
CA GLU B 61 -24.14 14.19 0.12
C GLU B 61 -23.32 15.33 0.74
N SER B 62 -23.22 15.34 2.07
CA SER B 62 -22.50 16.36 2.86
C SER B 62 -21.01 16.03 2.91
N TYR B 63 -20.18 17.06 2.76
CA TYR B 63 -18.70 16.96 2.80
C TYR B 63 -18.14 18.06 3.69
N LEU B 64 -17.13 17.72 4.49
CA LEU B 64 -16.27 18.72 5.17
C LEU B 64 -15.36 19.34 4.12
N GLN B 65 -15.33 20.67 4.05
CA GLN B 65 -14.39 21.43 3.20
C GLN B 65 -13.11 21.68 4.02
N LEU B 66 -12.03 20.97 3.71
CA LEU B 66 -10.77 20.98 4.51
C LEU B 66 -9.62 21.52 3.69
N GLN B 67 -8.67 22.15 4.38
CA GLN B 67 -7.32 22.41 3.86
C GLN B 67 -6.74 21.07 3.40
N ASP B 68 -6.14 21.06 2.20
CA ASP B 68 -5.33 19.93 1.69
C ASP B 68 -3.92 20.12 2.19
N LEU B 69 -3.53 19.32 3.19
CA LEU B 69 -2.24 19.44 3.93
C LEU B 69 -1.06 19.19 2.97
N LEU B 70 -1.27 18.52 1.83
CA LEU B 70 -0.16 18.24 0.88
C LEU B 70 0.10 19.46 -0.03
N ASP B 71 -0.82 20.43 -0.08
CA ASP B 71 -0.78 21.55 -1.07
C ASP B 71 0.60 22.21 -1.10
N GLY B 72 1.15 22.57 0.07
CA GLY B 72 2.38 23.36 0.18
C GLY B 72 3.64 22.59 -0.19
N PHE B 73 3.55 21.29 -0.50
CA PHE B 73 4.74 20.39 -0.62
C PHE B 73 4.99 20.02 -2.09
N ASP B 74 6.25 19.78 -2.43
CA ASP B 74 6.68 19.37 -3.78
C ASP B 74 7.09 17.88 -3.73
N GLY B 75 6.17 16.98 -4.12
CA GLY B 75 6.39 15.52 -4.03
C GLY B 75 6.48 15.08 -2.57
N PRO B 76 5.36 15.18 -1.81
CA PRO B 76 5.37 14.89 -0.38
C PRO B 76 5.50 13.40 -0.03
N CYS B 77 6.33 13.10 0.98
CA CYS B 77 6.35 11.83 1.76
C CYS B 77 5.41 12.02 2.96
N VAL B 78 4.56 11.03 3.23
CA VAL B 78 3.51 11.12 4.30
C VAL B 78 3.64 9.90 5.19
N LEU B 79 3.69 10.11 6.50
CA LEU B 79 3.60 9.04 7.50
C LEU B 79 2.40 9.32 8.41
N ASP B 80 1.53 8.33 8.54
CA ASP B 80 0.30 8.43 9.37
C ASP B 80 0.55 7.66 10.66
N CYS B 81 0.39 8.34 11.79
N CYS B 81 0.40 8.33 11.79
CA CYS B 81 0.69 7.82 13.13
CA CYS B 81 0.70 7.80 13.13
C CYS B 81 -0.58 7.84 13.99
C CYS B 81 -0.57 7.84 13.99
N LYS B 82 -1.17 6.68 14.29
CA LYS B 82 -2.42 6.61 15.09
C LYS B 82 -2.10 6.83 16.58
N MET B 83 -2.73 7.82 17.20
CA MET B 83 -2.37 8.25 18.58
C MET B 83 -3.31 7.62 19.61
N GLY B 84 -2.75 7.17 20.74
CA GLY B 84 -3.51 6.68 21.89
C GLY B 84 -3.17 5.24 22.25
N VAL B 85 -3.32 4.90 23.53
CA VAL B 85 -3.15 3.52 24.04
C VAL B 85 -4.40 2.70 23.68
N ARG B 86 -5.52 3.39 23.45
CA ARG B 86 -6.85 2.78 23.17
C ARG B 86 -7.37 3.32 21.84
N THR B 87 -7.91 2.44 21.00
CA THR B 87 -8.28 2.75 19.59
C THR B 87 -9.77 2.53 19.33
N TYR B 88 -10.58 2.31 20.37
CA TYR B 88 -12.06 2.10 20.28
C TYR B 88 -12.72 2.86 21.44
N LEU B 89 -13.99 3.23 21.30
CA LEU B 89 -14.77 3.87 22.39
C LEU B 89 -15.18 2.80 23.41
N GLU B 90 -15.32 3.18 24.67
CA GLU B 90 -15.72 2.25 25.77
C GLU B 90 -17.11 1.65 25.50
N GLU B 91 -17.96 2.35 24.75
CA GLU B 91 -19.33 1.89 24.38
C GLU B 91 -19.25 0.54 23.66
N GLU B 92 -18.18 0.33 22.88
CA GLU B 92 -17.92 -0.93 22.11
C GLU B 92 -17.81 -2.13 23.06
N LEU B 93 -17.24 -1.92 24.26
CA LEU B 93 -17.15 -2.97 25.31
C LEU B 93 -18.56 -3.27 25.84
N THR B 94 -19.27 -2.20 26.22
CA THR B 94 -20.63 -2.22 26.80
C THR B 94 -21.57 -2.97 25.85
N LYS B 95 -21.49 -2.66 24.56
CA LYS B 95 -22.28 -3.31 23.47
C LYS B 95 -21.96 -4.80 23.42
N ALA B 96 -20.69 -5.19 23.62
CA ALA B 96 -20.19 -6.58 23.52
C ALA B 96 -20.10 -7.25 24.89
N ARG B 97 -20.31 -6.54 25.99
CA ARG B 97 -20.28 -7.15 27.35
C ARG B 97 -21.71 -7.30 27.89
N GLU B 98 -22.72 -7.14 27.02
CA GLU B 98 -24.15 -7.39 27.35
C GLU B 98 -24.73 -8.44 26.41
N ARG B 99 -24.72 -8.16 25.10
CA ARG B 99 -25.21 -9.06 24.03
C ARG B 99 -24.15 -9.16 22.93
N PRO B 100 -23.09 -9.99 23.12
CA PRO B 100 -21.94 -10.00 22.21
C PRO B 100 -22.29 -9.96 20.71
N LYS B 101 -21.63 -9.08 19.97
CA LYS B 101 -21.69 -8.98 18.48
C LYS B 101 -20.37 -9.51 17.91
N LEU B 102 -20.43 -10.46 16.97
CA LEU B 102 -19.24 -11.16 16.44
C LEU B 102 -18.93 -10.68 15.01
N ARG B 103 -17.64 -10.53 14.71
CA ARG B 103 -17.13 -9.98 13.43
C ARG B 103 -16.32 -11.07 12.73
N LYS B 104 -16.77 -11.48 11.53
CA LYS B 104 -16.10 -12.49 10.67
C LYS B 104 -14.76 -11.91 10.19
N ASP B 105 -14.83 -10.74 9.54
CA ASP B 105 -13.68 -10.02 8.91
C ASP B 105 -12.47 -10.03 9.83
N MET B 106 -12.68 -9.64 11.10
CA MET B 106 -11.58 -9.39 12.07
C MET B 106 -10.90 -10.71 12.48
N TYR B 107 -11.61 -11.85 12.47
CA TYR B 107 -11.09 -13.15 12.96
C TYR B 107 -9.92 -13.63 12.08
N LYS B 108 -10.14 -13.72 10.77
CA LYS B 108 -9.16 -14.27 9.78
C LYS B 108 -7.78 -13.60 9.98
N LYS B 109 -7.77 -12.28 10.18
CA LYS B 109 -6.54 -11.45 10.29
C LYS B 109 -5.71 -11.93 11.50
N MET B 110 -6.37 -12.46 12.52
CA MET B 110 -5.76 -12.83 13.83
C MET B 110 -4.78 -14.02 13.66
N LEU B 111 -5.16 -15.05 12.91
CA LEU B 111 -4.30 -16.25 12.69
C LEU B 111 -3.26 -15.89 11.63
N ALA B 112 -3.62 -15.00 10.71
CA ALA B 112 -2.73 -14.46 9.66
C ALA B 112 -1.49 -13.86 10.34
N VAL B 113 -1.68 -13.07 11.39
CA VAL B 113 -0.55 -12.44 12.14
C VAL B 113 -0.06 -13.41 13.22
N ASP B 114 -0.95 -14.20 13.85
CA ASP B 114 -0.57 -15.14 14.95
C ASP B 114 -1.66 -16.18 15.17
N PRO B 115 -1.50 -17.43 14.68
CA PRO B 115 -2.49 -18.49 14.87
C PRO B 115 -2.85 -18.80 16.34
N GLU B 116 -1.89 -18.65 17.27
CA GLU B 116 -2.10 -18.98 18.71
C GLU B 116 -2.70 -17.76 19.44
N ALA B 117 -3.04 -16.67 18.73
CA ALA B 117 -3.66 -15.46 19.33
C ALA B 117 -5.13 -15.74 19.66
N PRO B 118 -5.98 -16.18 18.70
CA PRO B 118 -7.37 -16.55 19.02
C PRO B 118 -7.46 -17.62 20.11
N THR B 119 -8.41 -17.46 21.04
CA THR B 119 -8.72 -18.43 22.13
C THR B 119 -9.51 -19.61 21.53
N GLU B 120 -9.64 -20.70 22.29
CA GLU B 120 -10.35 -21.94 21.86
C GLU B 120 -11.79 -21.58 21.46
N GLU B 121 -12.46 -20.73 22.24
CA GLU B 121 -13.84 -20.23 22.00
C GLU B 121 -13.94 -19.56 20.62
N GLU B 122 -13.13 -18.51 20.41
CA GLU B 122 -13.01 -17.75 19.13
C GLU B 122 -12.58 -18.71 18.02
N HIS B 123 -11.57 -19.55 18.28
CA HIS B 123 -11.01 -20.55 17.33
C HIS B 123 -12.14 -21.35 16.69
N ALA B 124 -13.16 -21.73 17.48
CA ALA B 124 -14.35 -22.50 17.05
C ALA B 124 -15.32 -21.61 16.26
N GLN B 125 -15.84 -20.53 16.87
CA GLN B 125 -16.91 -19.67 16.29
C GLN B 125 -16.38 -18.97 15.02
N ARG B 126 -15.06 -18.78 14.90
CA ARG B 126 -14.39 -18.18 13.72
C ARG B 126 -14.86 -16.73 13.53
N ALA B 127 -15.14 -16.06 14.65
CA ALA B 127 -15.49 -14.62 14.74
C ALA B 127 -15.01 -14.09 16.09
N VAL B 128 -14.74 -12.78 16.17
CA VAL B 128 -14.18 -12.09 17.37
C VAL B 128 -14.99 -10.80 17.59
N THR B 129 -15.07 -10.32 18.83
CA THR B 129 -15.60 -8.97 19.15
C THR B 129 -14.59 -7.94 18.62
N LYS B 130 -15.06 -6.74 18.24
CA LYS B 130 -14.22 -5.62 17.76
C LYS B 130 -13.27 -5.19 18.87
N PRO B 131 -13.76 -4.89 20.10
CA PRO B 131 -12.87 -4.57 21.22
C PRO B 131 -11.69 -5.54 21.31
N ARG B 132 -11.96 -6.84 21.18
CA ARG B 132 -10.94 -7.90 21.34
C ARG B 132 -9.97 -7.84 20.16
N TYR B 133 -10.47 -7.63 18.94
CA TYR B 133 -9.62 -7.46 17.75
C TYR B 133 -8.73 -6.21 17.93
N MET B 134 -9.34 -5.09 18.30
CA MET B 134 -8.63 -3.78 18.45
C MET B 134 -7.65 -3.87 19.62
N GLN B 135 -8.02 -4.53 20.73
CA GLN B 135 -7.10 -4.76 21.88
C GLN B 135 -5.90 -5.58 21.41
N TRP B 136 -6.13 -6.61 20.61
CA TRP B 136 -5.04 -7.47 20.07
C TRP B 136 -4.16 -6.61 19.12
N ARG B 137 -4.75 -5.78 18.25
CA ARG B 137 -4.00 -4.90 17.32
C ARG B 137 -3.10 -3.95 18.12
N GLU B 138 -3.60 -3.48 19.26
CA GLU B 138 -2.86 -2.53 20.15
C GLU B 138 -1.64 -3.24 20.74
N GLY B 139 -1.78 -4.53 21.06
CA GLY B 139 -0.75 -5.30 21.79
C GLY B 139 0.38 -5.80 20.89
N ILE B 140 0.11 -6.11 19.62
CA ILE B 140 1.17 -6.61 18.70
C ILE B 140 1.88 -5.42 18.05
N SER B 141 1.23 -4.25 18.00
CA SER B 141 1.86 -2.96 17.60
C SER B 141 2.43 -2.27 18.83
N SER B 142 2.86 -1.01 18.68
CA SER B 142 3.41 -0.17 19.76
C SER B 142 2.27 0.51 20.56
N SER B 143 1.00 0.39 20.17
CA SER B 143 -0.13 1.16 20.77
C SER B 143 -0.14 0.97 22.30
N THR B 144 -0.18 -0.27 22.79
CA THR B 144 -0.41 -0.54 24.24
C THR B 144 0.75 0.04 25.08
N THR B 145 2.00 -0.15 24.64
CA THR B 145 3.20 0.15 25.45
C THR B 145 3.66 1.59 25.21
N LEU B 146 3.55 2.11 23.99
CA LEU B 146 4.13 3.44 23.67
C LEU B 146 3.06 4.50 23.47
N GLY B 147 1.78 4.12 23.26
CA GLY B 147 0.66 5.07 23.13
C GLY B 147 0.54 5.66 21.74
N PHE B 148 1.14 5.02 20.74
CA PHE B 148 0.97 5.34 19.30
C PHE B 148 1.39 4.13 18.47
N ARG B 149 1.02 4.15 17.20
CA ARG B 149 1.57 3.16 16.23
C ARG B 149 1.60 3.78 14.84
N ILE B 150 2.62 3.43 14.08
CA ILE B 150 2.74 3.81 12.64
C ILE B 150 1.71 2.99 11.86
N GLU B 151 0.81 3.65 11.12
CA GLU B 151 -0.23 2.97 10.30
C GLU B 151 0.29 2.78 8.87
N GLY B 152 0.98 3.78 8.33
CA GLY B 152 1.44 3.65 6.94
C GLY B 152 2.27 4.81 6.48
N ILE B 153 2.92 4.61 5.34
CA ILE B 153 3.84 5.59 4.68
C ILE B 153 3.45 5.66 3.20
N LYS B 154 3.35 6.87 2.67
CA LYS B 154 3.19 7.13 1.22
C LYS B 154 4.42 7.94 0.81
N LYS B 155 5.27 7.37 -0.06
CA LYS B 155 6.60 7.94 -0.41
C LYS B 155 6.44 8.85 -1.62
N ALA B 156 7.42 9.74 -1.81
CA ALA B 156 7.51 10.68 -2.94
C ALA B 156 7.62 9.90 -4.27
N ASP B 157 8.25 8.72 -4.23
CA ASP B 157 8.44 7.82 -5.42
C ASP B 157 7.14 7.06 -5.76
N GLY B 158 6.03 7.31 -5.06
CA GLY B 158 4.70 6.74 -5.36
C GLY B 158 4.41 5.47 -4.57
N SER B 159 5.46 4.86 -4.01
CA SER B 159 5.38 3.67 -3.13
C SER B 159 4.47 3.99 -1.93
N CYS B 160 3.77 2.95 -1.47
CA CYS B 160 2.79 2.98 -0.37
C CYS B 160 3.07 1.75 0.50
N SER B 161 3.09 1.85 1.83
CA SER B 161 3.22 0.67 2.71
C SER B 161 2.36 0.82 3.96
N THR B 162 1.64 -0.23 4.32
CA THR B 162 0.89 -0.36 5.59
C THR B 162 1.44 -1.55 6.40
N ASP B 163 2.62 -2.07 6.05
CA ASP B 163 3.17 -3.31 6.64
C ASP B 163 3.89 -2.96 7.95
N PHE B 164 3.12 -2.53 8.96
CA PHE B 164 3.63 -2.06 10.28
C PHE B 164 2.85 -2.69 11.44
N LYS B 165 2.07 -3.75 11.21
CA LYS B 165 1.14 -4.31 12.22
C LYS B 165 1.90 -4.92 13.41
N THR B 166 3.15 -5.34 13.23
CA THR B 166 4.00 -5.91 14.33
C THR B 166 5.17 -4.97 14.66
N THR B 167 5.13 -3.70 14.25
CA THR B 167 6.16 -2.72 14.65
C THR B 167 5.86 -2.32 16.08
N ARG B 168 6.62 -2.80 17.06
CA ARG B 168 6.25 -2.67 18.51
C ARG B 168 7.32 -2.00 19.37
N SER B 169 8.58 -2.44 19.30
CA SER B 169 9.67 -1.96 20.17
C SER B 169 10.06 -0.54 19.79
N ARG B 170 10.60 0.22 20.75
N ARG B 170 10.64 0.20 20.74
CA ARG B 170 11.16 1.58 20.55
CA ARG B 170 11.15 1.58 20.55
C ARG B 170 12.08 1.55 19.31
C ARG B 170 12.12 1.59 19.36
N GLU B 171 13.01 0.59 19.28
CA GLU B 171 14.03 0.50 18.22
C GLU B 171 13.39 0.17 16.86
N GLN B 172 12.37 -0.70 16.80
CA GLN B 172 11.61 -0.95 15.54
C GLN B 172 10.96 0.35 15.04
N VAL B 173 10.33 1.12 15.94
CA VAL B 173 9.67 2.40 15.56
C VAL B 173 10.74 3.35 15.05
N LEU B 174 11.86 3.47 15.78
CA LEU B 174 12.96 4.38 15.43
C LEU B 174 13.45 4.05 14.02
N ARG B 175 13.59 2.76 13.70
CA ARG B 175 14.07 2.31 12.37
C ARG B 175 13.08 2.71 11.28
N VAL B 176 11.77 2.65 11.54
CA VAL B 176 10.76 3.11 10.54
C VAL B 176 10.96 4.62 10.30
N PHE B 177 11.09 5.40 11.36
CA PHE B 177 11.25 6.88 11.20
C PHE B 177 12.58 7.17 10.49
N GLU B 178 13.65 6.45 10.85
CA GLU B 178 14.98 6.59 10.21
C GLU B 178 14.83 6.42 8.70
N GLU B 179 14.12 5.37 8.27
CA GLU B 179 13.88 5.06 6.84
C GLU B 179 13.07 6.20 6.19
N PHE B 180 12.07 6.71 6.90
CA PHE B 180 11.07 7.67 6.35
C PHE B 180 11.76 9.02 6.05
N VAL B 181 12.69 9.48 6.91
CA VAL B 181 13.31 10.82 6.73
C VAL B 181 14.58 10.73 5.87
N GLN B 182 15.11 9.52 5.63
N GLN B 182 15.09 9.50 5.63
CA GLN B 182 16.21 9.27 4.65
CA GLN B 182 16.23 9.19 4.72
C GLN B 182 17.43 10.15 4.95
C GLN B 182 17.41 10.15 4.96
N GLY B 183 17.82 10.31 6.22
CA GLY B 183 19.04 11.04 6.63
C GLY B 183 18.94 12.55 6.55
N ASP B 184 17.75 13.10 6.32
CA ASP B 184 17.53 14.57 6.15
C ASP B 184 17.47 15.19 7.55
N GLU B 185 18.59 15.72 8.05
CA GLU B 185 18.69 16.27 9.43
C GLU B 185 17.74 17.45 9.58
N GLU B 186 17.54 18.24 8.52
CA GLU B 186 16.70 19.47 8.54
C GLU B 186 15.24 19.06 8.72
N VAL B 187 14.78 18.03 7.99
CA VAL B 187 13.38 17.56 8.13
C VAL B 187 13.19 17.05 9.57
N LEU B 188 14.13 16.24 10.06
CA LEU B 188 14.00 15.66 11.43
C LEU B 188 13.95 16.80 12.45
N ARG B 189 14.83 17.80 12.33
CA ARG B 189 14.86 18.97 13.25
C ARG B 189 13.49 19.67 13.23
N ARG B 190 12.93 19.89 12.06
CA ARG B 190 11.65 20.62 11.87
C ARG B 190 10.49 19.77 12.41
N TYR B 191 10.52 18.45 12.22
CA TYR B 191 9.49 17.57 12.83
C TYR B 191 9.55 17.70 14.35
N LEU B 192 10.73 17.63 14.94
CA LEU B 192 10.85 17.68 16.41
C LEU B 192 10.38 19.04 16.92
N ASN B 193 10.74 20.12 16.22
CA ASN B 193 10.32 21.48 16.67
C ASN B 193 8.79 21.56 16.63
N ARG B 194 8.16 21.01 15.60
CA ARG B 194 6.70 21.04 15.45
C ARG B 194 6.06 20.17 16.55
N LEU B 195 6.60 18.99 16.83
CA LEU B 195 6.02 18.10 17.87
C LEU B 195 6.08 18.77 19.25
N GLN B 196 7.20 19.42 19.56
CA GLN B 196 7.37 20.17 20.85
C GLN B 196 6.29 21.26 20.95
N GLN B 197 6.08 22.04 19.89
CA GLN B 197 5.06 23.12 19.85
C GLN B 197 3.66 22.51 19.94
N ILE B 198 3.38 21.41 19.25
CA ILE B 198 2.06 20.73 19.36
C ILE B 198 1.84 20.32 20.81
N ARG B 199 2.84 19.74 21.45
CA ARG B 199 2.69 19.22 22.83
C ARG B 199 2.34 20.40 23.76
N ASP B 200 3.07 21.50 23.62
CA ASP B 200 2.83 22.74 24.41
C ASP B 200 1.36 23.20 24.16
N THR B 201 0.87 23.14 22.93
CA THR B 201 -0.50 23.60 22.57
C THR B 201 -1.55 22.66 23.18
N LEU B 202 -1.34 21.35 23.08
CA LEU B 202 -2.26 20.36 23.70
C LEU B 202 -2.35 20.59 25.20
N GLU B 203 -1.24 20.87 25.87
CA GLU B 203 -1.22 21.01 27.35
C GLU B 203 -2.02 22.24 27.80
N VAL B 204 -2.30 23.21 26.93
CA VAL B 204 -3.08 24.42 27.32
C VAL B 204 -4.46 24.45 26.66
N SER B 205 -4.75 23.52 25.71
CA SER B 205 -6.00 23.51 24.91
C SER B 205 -7.22 23.25 25.80
N GLU B 206 -8.23 24.13 25.73
CA GLU B 206 -9.56 23.97 26.40
C GLU B 206 -10.28 22.75 25.81
N PHE B 207 -10.24 22.63 24.49
CA PHE B 207 -10.82 21.47 23.74
C PHE B 207 -10.21 20.17 24.25
N PHE B 208 -8.88 20.09 24.26
CA PHE B 208 -8.16 18.81 24.52
C PHE B 208 -8.48 18.32 25.94
N ARG B 209 -8.50 19.20 26.93
CA ARG B 209 -8.69 18.78 28.34
C ARG B 209 -10.13 18.24 28.54
N ARG B 210 -11.08 18.63 27.69
CA ARG B 210 -12.52 18.27 27.88
C ARG B 210 -12.98 17.19 26.89
N HIS B 211 -12.10 16.65 26.05
CA HIS B 211 -12.48 15.65 25.02
C HIS B 211 -11.62 14.39 25.15
N GLU B 212 -12.26 13.25 24.93
CA GLU B 212 -11.61 11.92 24.77
C GLU B 212 -11.24 11.78 23.28
N VAL B 213 -9.95 11.64 23.00
CA VAL B 213 -9.43 11.70 21.61
C VAL B 213 -8.98 10.30 21.20
N ILE B 214 -9.86 9.56 20.52
CA ILE B 214 -9.67 8.13 20.12
C ILE B 214 -9.63 8.08 18.59
N GLY B 215 -8.70 7.33 18.03
CA GLY B 215 -8.66 7.02 16.59
C GLY B 215 -8.13 8.17 15.77
N SER B 216 -7.59 9.22 16.40
CA SER B 216 -7.00 10.37 15.67
C SER B 216 -5.56 10.02 15.28
N SER B 217 -5.01 10.74 14.33
CA SER B 217 -3.64 10.51 13.83
C SER B 217 -2.85 11.82 13.87
N LEU B 218 -1.53 11.70 13.96
CA LEU B 218 -0.58 12.76 13.55
C LEU B 218 -0.11 12.41 12.16
N LEU B 219 -0.27 13.34 11.22
CA LEU B 219 0.17 13.21 9.82
C LEU B 219 1.47 13.98 9.64
N PHE B 220 2.55 13.25 9.43
CA PHE B 220 3.91 13.78 9.13
C PHE B 220 4.00 13.94 7.61
N VAL B 221 4.32 15.15 7.15
CA VAL B 221 4.48 15.42 5.70
C VAL B 221 5.83 16.13 5.52
N HIS B 222 6.66 15.65 4.61
CA HIS B 222 7.92 16.36 4.23
C HIS B 222 8.21 16.19 2.74
N ASP B 223 9.17 16.96 2.24
CA ASP B 223 9.58 16.85 0.80
C ASP B 223 11.08 17.04 0.69
N HIS B 224 11.59 16.89 -0.53
CA HIS B 224 13.04 16.94 -0.88
C HIS B 224 13.57 18.38 -0.71
N CYS B 225 12.69 19.39 -0.66
CA CYS B 225 13.06 20.81 -0.39
C CYS B 225 13.15 21.06 1.13
N HIS B 226 12.97 20.03 1.96
CA HIS B 226 13.19 20.07 3.43
C HIS B 226 12.00 20.73 4.14
N ARG B 227 10.92 21.01 3.44
CA ARG B 227 9.61 21.39 4.06
C ARG B 227 9.13 20.21 4.91
N ALA B 228 8.68 20.48 6.14
CA ALA B 228 8.19 19.45 7.08
C ALA B 228 7.05 20.05 7.88
N GLY B 229 5.95 19.31 7.96
CA GLY B 229 4.75 19.70 8.69
C GLY B 229 4.23 18.52 9.49
N VAL B 230 3.51 18.79 10.58
CA VAL B 230 2.75 17.74 11.31
C VAL B 230 1.41 18.34 11.70
N TRP B 231 0.32 17.60 11.49
CA TRP B 231 -1.06 17.99 11.87
C TRP B 231 -1.78 16.84 12.56
N LEU B 232 -2.69 17.19 13.46
CA LEU B 232 -3.70 16.26 14.04
C LEU B 232 -4.82 16.13 13.01
N ILE B 233 -5.21 14.90 12.70
CA ILE B 233 -6.34 14.63 11.77
C ILE B 233 -7.24 13.55 12.37
N ASP B 234 -8.48 13.48 11.85
CA ASP B 234 -9.49 12.42 12.07
C ASP B 234 -10.07 12.50 13.49
N PHE B 235 -11.13 13.30 13.64
CA PHE B 235 -11.84 13.52 14.92
C PHE B 235 -13.17 12.76 14.91
N GLY B 236 -13.25 11.70 14.10
CA GLY B 236 -14.44 10.85 13.93
C GLY B 236 -14.86 10.16 15.22
N LYS B 237 -13.92 9.93 16.15
CA LYS B 237 -14.20 9.22 17.43
C LYS B 237 -13.77 10.09 18.62
N THR B 238 -13.72 11.40 18.43
CA THR B 238 -13.41 12.37 19.51
C THR B 238 -14.73 12.87 20.06
N THR B 239 -14.97 12.67 21.36
CA THR B 239 -16.27 12.99 22.03
C THR B 239 -16.04 13.78 23.32
N PRO B 240 -16.98 14.68 23.68
CA PRO B 240 -16.85 15.49 24.88
C PRO B 240 -17.11 14.69 26.16
N LEU B 241 -16.49 15.12 27.26
CA LEU B 241 -16.71 14.52 28.60
C LEU B 241 -17.91 15.21 29.25
N PRO B 242 -18.60 14.54 30.22
CA PRO B 242 -19.64 15.19 31.01
C PRO B 242 -19.23 16.55 31.59
N ASP B 243 -20.21 17.40 31.89
CA ASP B 243 -20.02 18.81 32.30
C ASP B 243 -18.92 18.89 33.36
N GLY B 244 -17.82 19.60 33.07
CA GLY B 244 -16.80 19.99 34.05
C GLY B 244 -15.72 18.93 34.28
N GLN B 245 -15.90 17.71 33.73
N GLN B 245 -15.89 17.72 33.74
CA GLN B 245 -14.91 16.61 33.81
CA GLN B 245 -14.89 16.63 33.85
C GLN B 245 -13.78 16.87 32.81
C GLN B 245 -13.78 16.87 32.81
N ILE B 246 -12.54 16.48 33.15
CA ILE B 246 -11.35 16.62 32.26
C ILE B 246 -10.58 15.30 32.25
N LEU B 247 -9.70 15.13 31.25
CA LEU B 247 -8.72 14.02 31.19
C LEU B 247 -7.32 14.63 31.32
N ASP B 248 -6.36 13.87 31.84
CA ASP B 248 -4.94 14.32 31.86
C ASP B 248 -4.22 13.74 30.63
N HIS B 249 -4.74 12.66 30.03
CA HIS B 249 -4.23 12.12 28.75
C HIS B 249 -2.85 11.45 28.91
N ARG B 250 -2.43 11.22 30.16
CA ARG B 250 -1.19 10.46 30.46
C ARG B 250 -1.49 9.19 31.24
N ARG B 251 -2.46 9.22 32.15
CA ARG B 251 -2.65 8.10 33.11
C ARG B 251 -3.20 6.89 32.35
N PRO B 252 -2.96 5.66 32.85
CA PRO B 252 -3.48 4.46 32.19
C PRO B 252 -5.01 4.48 32.04
N TRP B 253 -5.47 3.90 30.94
CA TRP B 253 -6.91 3.66 30.70
C TRP B 253 -7.38 2.55 31.63
N GLU B 254 -8.43 2.84 32.40
CA GLU B 254 -9.22 1.87 33.20
C GLU B 254 -10.68 2.05 32.81
N GLU B 255 -11.35 0.99 32.35
CA GLU B 255 -12.75 1.08 31.84
C GLU B 255 -13.55 1.98 32.78
N GLY B 256 -14.13 3.04 32.25
CA GLY B 256 -14.91 4.03 33.01
C GLY B 256 -14.25 5.39 33.04
N ASN B 257 -12.91 5.48 32.94
CA ASN B 257 -12.19 6.77 33.14
C ASN B 257 -11.99 7.50 31.80
N ARG B 258 -12.24 6.85 30.66
CA ARG B 258 -12.24 7.45 29.30
C ARG B 258 -10.87 8.04 28.95
N GLU B 259 -9.81 7.65 29.67
CA GLU B 259 -8.43 8.12 29.39
C GLU B 259 -7.93 7.46 28.10
N ASP B 260 -7.15 8.20 27.30
CA ASP B 260 -6.79 7.78 25.92
C ASP B 260 -5.27 7.63 25.77
N GLY B 261 -4.48 8.03 26.78
CA GLY B 261 -3.01 7.95 26.71
C GLY B 261 -2.43 8.77 25.58
N TYR B 262 -3.16 9.77 25.09
CA TYR B 262 -2.71 10.58 23.93
C TYR B 262 -1.31 11.19 24.21
N LEU B 263 -1.13 11.85 25.37
CA LEU B 263 0.13 12.58 25.64
C LEU B 263 1.23 11.60 26.02
N LEU B 264 0.90 10.43 26.56
CA LEU B 264 1.94 9.37 26.74
C LEU B 264 2.55 9.03 25.36
N GLY B 265 1.68 8.83 24.38
CA GLY B 265 2.05 8.62 22.96
C GLY B 265 2.95 9.73 22.43
N LEU B 266 2.52 10.98 22.58
CA LEU B 266 3.28 12.11 22.02
C LEU B 266 4.63 12.25 22.75
N ASP B 267 4.67 12.06 24.08
CA ASP B 267 5.93 12.04 24.88
C ASP B 267 6.89 11.00 24.28
N ASN B 268 6.41 9.79 24.01
CA ASN B 268 7.25 8.66 23.53
C ASN B 268 7.73 8.97 22.11
N LEU B 269 6.86 9.56 21.29
CA LEU B 269 7.15 9.90 19.87
C LEU B 269 8.26 10.96 19.83
N ILE B 270 8.17 11.98 20.69
CA ILE B 270 9.20 13.05 20.81
C ILE B 270 10.51 12.41 21.25
N GLY B 271 10.48 11.52 22.25
CA GLY B 271 11.67 10.84 22.77
C GLY B 271 12.39 10.05 21.68
N ILE B 272 11.62 9.31 20.88
CA ILE B 272 12.15 8.45 19.79
C ILE B 272 12.80 9.34 18.71
N LEU B 273 12.13 10.40 18.28
CA LEU B 273 12.68 11.31 17.23
C LEU B 273 13.92 12.04 17.77
N ALA B 274 13.94 12.44 19.05
CA ALA B 274 15.11 13.09 19.68
C ALA B 274 16.28 12.11 19.72
N SER B 275 16.03 10.82 20.03
CA SER B 275 17.04 9.73 20.01
C SER B 275 17.62 9.62 18.59
N LEU B 276 16.75 9.57 17.58
CA LEU B 276 17.15 9.43 16.16
C LEU B 276 18.00 10.62 15.72
N ALA B 277 17.67 11.83 16.17
CA ALA B 277 18.41 13.08 15.85
C ALA B 277 19.86 13.01 16.37
N GLU B 278 20.12 12.25 17.44
CA GLU B 278 21.48 12.17 18.05
C GLU B 278 22.28 10.98 17.48
N ARG B 279 21.68 10.14 16.63
CA ARG B 279 22.33 8.94 16.02
C ARG B 279 23.14 9.37 14.78
PG ANP C . -1.04 -3.14 -13.80
O1G ANP C . -0.80 -1.69 -14.15
O2G ANP C . 0.25 -3.90 -14.03
O3G ANP C . -1.42 -3.24 -12.34
PB ANP C . -3.83 -3.87 -14.49
O1B ANP C . -4.39 -2.76 -13.66
O2B ANP C . -4.52 -4.22 -15.79
N3B ANP C . -2.21 -3.77 -14.76
PA ANP C . -3.20 -6.57 -13.49
O1A ANP C . -3.77 -7.55 -14.46
O2A ANP C . -1.75 -6.26 -13.58
O3A ANP C . -4.03 -5.20 -13.60
O5' ANP C . -3.55 -7.05 -11.99
C5' ANP C . -3.64 -6.10 -10.89
C4' ANP C . -3.73 -6.86 -9.60
O4' ANP C . -5.07 -7.41 -9.43
C3' ANP C . -2.80 -8.07 -9.45
O3' ANP C . -1.53 -7.67 -8.96
C2' ANP C . -3.58 -8.94 -8.46
O2' ANP C . -3.41 -8.54 -7.13
C1' ANP C . -5.02 -8.71 -8.91
N9 ANP C . -5.48 -9.65 -9.94
C8 ANP C . -5.24 -9.61 -11.29
N7 ANP C . -5.83 -10.57 -11.94
C5 ANP C . -6.53 -11.28 -10.98
C6 ANP C . -7.36 -12.41 -11.05
N6 ANP C . -7.67 -13.02 -12.19
N1 ANP C . -7.91 -12.85 -9.89
C2 ANP C . -7.61 -12.21 -8.76
N3 ANP C . -6.83 -11.14 -8.57
C4 ANP C . -6.31 -10.72 -9.74
C2 6II D . 3.67 3.87 -15.22
C3 6II D . 2.51 3.29 -16.01
C4 6II D . 2.80 1.86 -16.39
C5 6II D . 3.09 1.04 -15.15
C6 6II D . 3.44 -0.40 -15.45
O01 6II D . 4.99 3.33 -13.30
O04 6II D . 5.04 1.66 -11.44
O03 6II D . 6.72 3.54 -11.46
O02 6II D . 4.28 4.03 -11.07
P1 6II D . 5.30 3.13 -11.73
O11 6II D . 2.77 0.95 -19.22
O12 6II D . 0.26 1.30 -19.15
O08 6II D . 2.30 4.06 -17.22
P4 6II D . 1.46 0.63 -18.52
O05 6II D . 1.38 5.61 -18.97
O06 6II D . 1.20 6.13 -16.49
O10 6II D . 1.27 -0.85 -18.28
O09 6II D . 1.64 1.32 -17.05
O07 6II D . -0.20 4.29 -17.51
P3 6II D . 1.08 5.08 -17.59
C1 6II D . 3.92 2.97 -14.02
O2 6II D . 3.39 5.20 -14.79
O5 6II D . 4.19 1.64 -14.45
O6 6II D . 3.45 -1.19 -14.26
S SO4 E . 23.15 -19.50 -3.20
O1 SO4 E . 22.46 -19.62 -1.94
O2 SO4 E . 24.56 -19.51 -2.97
O3 SO4 E . 22.76 -18.27 -3.83
O4 SO4 E . 22.79 -20.61 -4.04
S SO4 F . 17.75 -4.44 1.66
O1 SO4 F . 17.40 -5.81 1.38
O2 SO4 F . 17.75 -4.24 3.07
O3 SO4 F . 16.78 -3.56 1.06
O4 SO4 F . 19.05 -4.15 1.11
S SO4 G . 23.07 -6.96 -0.95
O1 SO4 G . 23.22 -8.05 -0.02
O2 SO4 G . 22.10 -6.02 -0.45
O3 SO4 G . 24.34 -6.31 -1.11
O4 SO4 G . 22.63 -7.47 -2.22
PG ANP H . -8.75 6.16 8.93
O1G ANP H . -9.62 4.94 8.96
O2G ANP H . -7.94 6.21 10.22
O3G ANP H . -7.76 6.07 7.79
PB ANP H . -10.36 8.12 7.43
O1B ANP H . -11.73 8.67 7.76
O2B ANP H . -10.20 7.26 6.22
N3B ANP H . -9.67 7.51 8.79
PA ANP H . -8.24 10.11 7.87
O1A ANP H . -8.72 11.42 8.42
O2A ANP H . -7.61 9.14 8.81
O3A ANP H . -9.47 9.41 7.11
O5' ANP H . -7.24 10.38 6.65
C5' ANP H . -6.75 9.26 5.89
C4' ANP H . -5.57 9.72 5.07
O4' ANP H . -5.98 10.79 4.19
C3' ANP H . -4.39 10.30 5.86
O3' ANP H . -3.49 9.28 6.28
C2' ANP H . -3.75 11.23 4.82
O2' ANP H . -2.93 10.49 3.94
C1' ANP H . -4.97 11.79 4.11
N9 ANP H . -5.53 13.02 4.68
C8 ANP H . -6.46 13.15 5.68
N7 ANP H . -6.79 14.40 5.92
C5 ANP H . -6.05 15.12 4.99
C6 ANP H . -5.97 16.50 4.72
N6 ANP H . -6.67 17.42 5.38
N1 ANP H . -5.14 16.88 3.73
C2 ANP H . -4.44 15.95 3.07
N3 ANP H . -4.45 14.63 3.22
C4 ANP H . -5.28 14.28 4.22
C2 6II I . -11.06 -1.99 11.92
C3 6II I . -11.95 -0.76 11.79
C4 6II I . -11.34 0.41 12.53
C5 6II I . -9.97 0.67 11.94
C6 6II I . -9.23 1.81 12.59
O01 6II I . -8.69 -2.55 11.63
O04 6II I . -6.50 -3.82 11.40
O03 6II I . -6.61 -1.33 10.97
O02 6II I . -7.75 -2.93 9.39
P1 6II I . -7.30 -2.67 10.80
O11 6II I . -13.43 3.75 12.43
O12 6II I . -11.71 3.18 14.18
O08 6II I . -13.27 -1.03 12.30
P4 6II I . -12.85 2.67 13.31
O05 6II I . -15.80 -0.99 12.25
O06 6II I . -14.46 -2.85 11.19
O10 6II I . -13.90 1.93 14.10
O09 6II I . -12.18 1.57 12.33
O07 6II I . -14.45 -0.55 10.15
P3 6II I . -14.60 -1.37 11.42
C1 6II I . -9.67 -1.63 11.42
O2 6II I . -11.60 -3.07 11.15
O5 6II I . -9.16 -0.51 12.11
O6 6II I . -7.87 1.85 12.14
S SO4 J . 19.18 6.64 22.47
O1 SO4 J . 18.03 5.78 22.32
O2 SO4 J . 20.16 5.98 23.29
O3 SO4 J . 18.78 7.89 23.08
O4 SO4 J . 19.75 6.89 21.17
S SO4 K . 11.60 -1.66 23.84
O1 SO4 K . 11.47 -3.09 23.94
O2 SO4 K . 11.90 -1.09 25.13
O3 SO4 K . 10.36 -1.09 23.35
O4 SO4 K . 12.67 -1.35 22.91
S SO4 L . 12.77 -4.87 12.37
O1 SO4 L . 13.39 -5.76 13.33
O2 SO4 L . 11.35 -4.93 12.52
O3 SO4 L . 13.24 -3.52 12.60
O4 SO4 L . 13.14 -5.29 11.04
#